data_6NC1
#
_entry.id   6NC1
#
_cell.length_a   34.367
_cell.length_b   75.980
_cell.length_c   108.265
_cell.angle_alpha   90.00
_cell.angle_beta   90.30
_cell.angle_gamma   90.00
#
_symmetry.space_group_name_H-M   'P 1 21 1'
#
loop_
_entity.id
_entity.type
_entity.pdbx_description
1 polymer 'Signal recognition particle receptor FtsY'
2 non-polymer "GUANOSINE-5'-DIPHOSPHATE"
3 non-polymer 'POTASSIUM ION'
4 non-polymer 'MAGNESIUM ION'
5 water water
#
_entity_poly.entity_id   1
_entity_poly.type   'polypeptide(L)'
_entity_poly.pdbx_seq_one_letter_code
;GFARLKRSLLKTKENLGSGFISLFRGKKIDDDLFEELEEQLLIADVGVETTRKIITNLTEGASRKQLRDAEALYGLLKEE
MGEILAKVDEPLNVEGKAPFVILMVGVNGVGKTTTIGKLARQFEQQGKSVMLAAGDTFRAAAVEQLQVWGQRNNIPVIAQ
HTGADSASVIFDAIQAAKARNIDVLIADTAGRLQNKSHLMEELKKIVRVMKKLDVEAPHEVMLTIDASTGQNAVSQAKLF
HEAVGLTGITLTKLDGTAKGGVIFSVADQFGIPIRYIGVGERIEDLRPFKADDFIEALFARED
;
_entity_poly.pdbx_strand_id   A,B
#
# COMPACT_ATOMS: atom_id res chain seq x y z
N GLY A 1 -8.18 -1.53 0.00
CA GLY A 1 -6.87 -1.27 0.54
C GLY A 1 -5.82 -2.25 0.06
N PHE A 2 -4.56 -1.85 0.23
CA PHE A 2 -3.39 -2.69 -0.09
C PHE A 2 -3.47 -3.27 -1.49
N ALA A 3 -3.86 -2.44 -2.46
CA ALA A 3 -4.09 -2.94 -3.80
C ALA A 3 -2.81 -3.51 -4.40
N ARG A 4 -1.68 -2.85 -4.21
CA ARG A 4 -0.46 -3.34 -4.85
C ARG A 4 0.01 -4.65 -4.22
N LEU A 5 -0.05 -4.77 -2.90
CA LEU A 5 0.37 -6.02 -2.26
C LEU A 5 -0.61 -7.15 -2.60
N LYS A 6 -1.90 -6.86 -2.69
CA LYS A 6 -2.87 -7.88 -3.08
C LYS A 6 -2.58 -8.40 -4.47
N ARG A 7 -2.22 -7.52 -5.40
CA ARG A 7 -1.87 -7.97 -6.75
C ARG A 7 -0.58 -8.79 -6.72
N SER A 8 0.40 -8.37 -5.93
CA SER A 8 1.64 -9.17 -5.85
C SER A 8 1.35 -10.54 -5.26
N LEU A 9 0.33 -10.65 -4.41
CA LEU A 9 -0.01 -11.91 -3.73
C LEU A 9 -1.15 -12.68 -4.39
N LEU A 10 -1.57 -12.27 -5.59
CA LEU A 10 -2.75 -12.86 -6.22
C LEU A 10 -2.69 -14.38 -6.27
N LYS A 11 -1.57 -14.95 -6.71
CA LYS A 11 -1.51 -16.41 -6.83
C LYS A 11 -1.47 -17.09 -5.47
N THR A 12 -0.84 -16.46 -4.47
CA THR A 12 -0.82 -17.01 -3.12
C THR A 12 -2.21 -16.97 -2.49
N LYS A 13 -3.00 -15.94 -2.79
CA LYS A 13 -4.36 -15.82 -2.29
C LYS A 13 -5.29 -16.88 -2.87
N GLU A 14 -4.88 -17.59 -3.91
CA GLU A 14 -5.63 -18.75 -4.38
C GLU A 14 -5.70 -19.84 -3.32
N ASN A 15 -4.65 -19.99 -2.51
CA ASN A 15 -4.54 -21.09 -1.57
C ASN A 15 -4.68 -20.65 -0.12
N LEU A 16 -4.33 -19.41 0.20
CA LEU A 16 -4.36 -18.92 1.57
C LEU A 16 -5.18 -17.65 1.69
N GLY A 17 -5.54 -17.34 2.92
CA GLY A 17 -6.27 -16.11 3.19
C GLY A 17 -7.64 -16.18 2.53
N SER A 18 -7.89 -15.23 1.65
CA SER A 18 -9.17 -15.16 0.94
C SER A 18 -9.46 -16.45 0.19
N GLY A 19 -8.43 -17.25 -0.05
CA GLY A 19 -8.58 -18.52 -0.73
C GLY A 19 -9.37 -19.55 0.07
N PHE A 20 -9.34 -19.43 1.39
CA PHE A 20 -10.09 -20.31 2.26
C PHE A 20 -11.60 -20.05 2.17
N ILE A 21 -12.02 -18.94 1.59
CA ILE A 21 -13.45 -18.64 1.63
C ILE A 21 -14.24 -19.72 0.90
N SER A 22 -13.76 -20.11 -0.29
CA SER A 22 -14.47 -21.15 -1.03
C SER A 22 -14.39 -22.51 -0.34
N LEU A 23 -13.29 -22.79 0.38
CA LEU A 23 -13.18 -24.07 1.05
C LEU A 23 -14.21 -24.19 2.16
N PHE A 24 -14.48 -23.08 2.86
CA PHE A 24 -15.35 -23.12 4.02
C PHE A 24 -16.83 -22.95 3.67
N ARG A 25 -17.14 -22.39 2.51
CA ARG A 25 -18.50 -21.98 2.18
C ARG A 25 -19.48 -23.14 2.35
N GLY A 26 -20.45 -22.94 3.23
CA GLY A 26 -21.52 -23.90 3.38
C GLY A 26 -21.13 -25.23 3.99
N LYS A 27 -19.99 -25.30 4.66
CA LYS A 27 -19.54 -26.53 5.27
C LYS A 27 -19.69 -26.47 6.78
N LYS A 28 -19.71 -27.66 7.38
CA LYS A 28 -19.73 -27.82 8.82
C LYS A 28 -18.32 -28.03 9.35
N ILE A 29 -18.13 -27.71 10.63
CA ILE A 29 -16.85 -27.95 11.28
C ILE A 29 -16.84 -29.40 11.77
N ASP A 30 -16.00 -30.22 11.14
CA ASP A 30 -15.82 -31.60 11.56
C ASP A 30 -14.42 -32.03 11.13
N ASP A 31 -14.09 -33.29 11.39
CA ASP A 31 -12.76 -33.79 11.08
C ASP A 31 -12.50 -33.73 9.59
N ASP A 32 -13.53 -33.97 8.78
CA ASP A 32 -13.38 -33.85 7.32
C ASP A 32 -12.88 -32.47 6.93
N LEU A 33 -13.46 -31.43 7.54
CA LEU A 33 -13.10 -30.06 7.19
C LEU A 33 -11.66 -29.78 7.57
N PHE A 34 -11.25 -30.17 8.78
CA PHE A 34 -9.87 -29.92 9.19
C PHE A 34 -8.90 -30.70 8.32
N GLU A 35 -9.29 -31.87 7.82
CA GLU A 35 -8.44 -32.60 6.91
C GLU A 35 -8.29 -31.87 5.58
N GLU A 36 -9.38 -31.29 5.06
CA GLU A 36 -9.30 -30.48 3.84
C GLU A 36 -8.41 -29.25 4.05
N LEU A 37 -8.54 -28.61 5.21
CA LEU A 37 -7.75 -27.41 5.49
C LEU A 37 -6.28 -27.74 5.65
N GLU A 38 -5.96 -28.82 6.36
CA GLU A 38 -4.58 -29.26 6.46
C GLU A 38 -3.97 -29.48 5.08
N GLU A 39 -4.68 -30.19 4.21
CA GLU A 39 -4.17 -30.42 2.85
C GLU A 39 -3.90 -29.11 2.14
N GLN A 40 -4.84 -28.17 2.23
CA GLN A 40 -4.67 -26.89 1.54
C GLN A 40 -3.49 -26.09 2.09
N LEU A 41 -3.32 -26.08 3.42
CA LEU A 41 -2.15 -25.41 3.99
C LEU A 41 -0.86 -26.05 3.48
N LEU A 42 -0.84 -27.39 3.39
CA LEU A 42 0.35 -28.05 2.89
C LEU A 42 0.60 -27.71 1.44
N ILE A 43 -0.46 -27.69 0.62
CA ILE A 43 -0.32 -27.30 -0.77
C ILE A 43 0.23 -25.89 -0.89
N ALA A 44 -0.14 -25.01 0.03
CA ALA A 44 0.33 -23.62 0.03
C ALA A 44 1.75 -23.46 0.55
N ASP A 45 2.45 -24.56 0.87
CA ASP A 45 3.84 -24.56 1.28
C ASP A 45 4.03 -24.01 2.70
N VAL A 46 2.98 -24.13 3.51
CA VAL A 46 3.08 -23.71 4.90
C VAL A 46 3.94 -24.66 5.73
N GLY A 47 4.07 -25.90 5.31
CA GLY A 47 5.02 -26.79 5.97
C GLY A 47 4.35 -27.69 6.98
N VAL A 48 4.96 -28.85 7.21
CA VAL A 48 4.33 -29.90 8.02
C VAL A 48 4.14 -29.44 9.46
N GLU A 49 5.22 -28.97 10.09
CA GLU A 49 5.15 -28.61 11.51
C GLU A 49 4.26 -27.39 11.74
N THR A 50 4.36 -26.39 10.88
CA THR A 50 3.58 -25.19 11.04
C THR A 50 2.11 -25.45 10.81
N THR A 51 1.78 -26.28 9.82
CA THR A 51 0.39 -26.66 9.60
C THR A 51 -0.20 -27.41 10.80
N ARG A 52 0.58 -28.34 11.38
CA ARG A 52 0.12 -29.06 12.57
C ARG A 52 -0.22 -28.09 13.70
N LYS A 53 0.66 -27.11 13.94
CA LYS A 53 0.42 -26.11 14.98
C LYS A 53 -0.89 -25.35 14.71
N ILE A 54 -1.08 -24.88 13.48
CA ILE A 54 -2.28 -24.13 13.14
C ILE A 54 -3.53 -24.97 13.37
N ILE A 55 -3.52 -26.21 12.88
CA ILE A 55 -4.69 -27.07 13.01
C ILE A 55 -5.00 -27.33 14.48
N THR A 56 -3.96 -27.59 15.28
CA THR A 56 -4.17 -27.85 16.71
C THR A 56 -4.84 -26.66 17.39
N ASN A 57 -4.29 -25.47 17.21
CA ASN A 57 -4.86 -24.28 17.85
C ASN A 57 -6.25 -23.99 17.32
N LEU A 58 -6.46 -24.20 16.01
CA LEU A 58 -7.77 -23.92 15.41
C LEU A 58 -8.83 -24.89 15.90
N THR A 59 -8.49 -26.17 16.00
CA THR A 59 -9.45 -27.16 16.48
C THR A 59 -9.87 -26.85 17.91
N GLU A 60 -8.90 -26.55 18.79
CA GLU A 60 -9.23 -26.26 20.19
C GLU A 60 -10.07 -25.00 20.31
N GLY A 61 -9.74 -23.97 19.53
CA GLY A 61 -10.53 -22.75 19.57
C GLY A 61 -11.95 -22.99 19.09
N ALA A 62 -12.11 -23.82 18.06
CA ALA A 62 -13.43 -24.13 17.53
C ALA A 62 -14.24 -24.94 18.52
N SER A 63 -13.64 -25.96 19.13
CA SER A 63 -14.33 -26.79 20.10
C SER A 63 -14.71 -25.99 21.35
N ARG A 64 -13.76 -25.22 21.88
CA ARG A 64 -14.02 -24.51 23.13
C ARG A 64 -15.16 -23.51 22.96
N LYS A 65 -15.22 -22.84 21.82
CA LYS A 65 -16.31 -21.93 21.51
C LYS A 65 -17.50 -22.64 20.88
N GLN A 66 -17.40 -23.95 20.65
CA GLN A 66 -18.49 -24.75 20.09
C GLN A 66 -18.95 -24.17 18.76
N LEU A 67 -18.00 -23.82 17.90
CA LEU A 67 -18.32 -23.32 16.58
C LEU A 67 -18.89 -24.45 15.72
N ARG A 68 -19.90 -24.12 14.92
CA ARG A 68 -20.57 -25.11 14.08
C ARG A 68 -20.33 -24.93 12.60
N ASP A 69 -20.30 -23.69 12.10
CA ASP A 69 -20.22 -23.44 10.67
C ASP A 69 -18.77 -23.13 10.32
N ALA A 70 -18.30 -23.70 9.20
CA ALA A 70 -16.88 -23.54 8.85
C ALA A 70 -16.51 -22.09 8.58
N GLU A 71 -17.46 -21.27 8.14
CA GLU A 71 -17.17 -19.86 7.90
C GLU A 71 -16.62 -19.18 9.16
N ALA A 72 -16.99 -19.66 10.35
CA ALA A 72 -16.49 -19.05 11.58
C ALA A 72 -15.02 -19.35 11.84
N LEU A 73 -14.41 -20.32 11.13
CA LEU A 73 -12.99 -20.54 11.28
C LEU A 73 -12.16 -19.42 10.66
N TYR A 74 -12.74 -18.63 9.76
CA TYR A 74 -11.95 -17.68 8.98
C TYR A 74 -11.24 -16.67 9.88
N GLY A 75 -11.98 -16.04 10.80
CA GLY A 75 -11.38 -15.07 11.69
C GLY A 75 -10.34 -15.70 12.59
N LEU A 76 -10.58 -16.93 13.05
CA LEU A 76 -9.62 -17.61 13.90
C LEU A 76 -8.34 -17.92 13.15
N LEU A 77 -8.47 -18.36 11.90
CA LEU A 77 -7.30 -18.65 11.09
C LEU A 77 -6.49 -17.38 10.82
N LYS A 78 -7.18 -16.27 10.56
CA LYS A 78 -6.52 -14.99 10.39
C LYS A 78 -5.71 -14.63 11.61
N GLU A 79 -6.27 -14.84 12.81
CA GLU A 79 -5.54 -14.55 14.03
C GLU A 79 -4.34 -15.47 14.21
N GLU A 80 -4.53 -16.79 14.00
CA GLU A 80 -3.46 -17.74 14.18
C GLU A 80 -2.30 -17.46 13.23
N MET A 81 -2.62 -17.24 11.94
CA MET A 81 -1.56 -17.01 10.98
C MET A 81 -0.95 -15.63 11.15
N GLY A 82 -1.74 -14.67 11.61
CA GLY A 82 -1.19 -13.35 11.89
C GLY A 82 -0.21 -13.36 13.06
N GLU A 83 -0.43 -14.22 14.04
CA GLU A 83 0.50 -14.27 15.17
C GLU A 83 1.81 -14.92 14.79
N ILE A 84 1.79 -15.88 13.85
CA ILE A 84 3.03 -16.44 13.31
C ILE A 84 3.89 -15.34 12.69
N LEU A 85 3.29 -14.48 11.86
CA LEU A 85 4.08 -13.45 11.20
C LEU A 85 4.45 -12.33 12.15
N ALA A 86 3.61 -12.05 13.15
CA ALA A 86 3.95 -10.99 14.09
C ALA A 86 5.26 -11.27 14.81
N LYS A 87 5.58 -12.54 15.04
CA LYS A 87 6.79 -12.90 15.76
C LYS A 87 8.07 -12.55 14.99
N VAL A 88 7.99 -12.28 13.69
CA VAL A 88 9.19 -11.94 12.93
C VAL A 88 9.07 -10.58 12.25
N ASP A 89 8.24 -9.71 12.85
CA ASP A 89 8.03 -8.32 12.44
C ASP A 89 9.00 -7.51 13.27
N GLU A 90 10.11 -7.11 12.65
CA GLU A 90 11.10 -6.27 13.33
C GLU A 90 11.96 -5.64 12.23
N PRO A 91 11.74 -4.37 11.90
CA PRO A 91 12.50 -3.79 10.78
C PRO A 91 13.97 -3.64 11.15
N LEU A 92 14.80 -3.66 10.11
CA LEU A 92 16.23 -3.50 10.29
C LEU A 92 16.55 -2.05 10.60
N ASN A 93 17.34 -1.85 11.65
CA ASN A 93 17.82 -0.54 12.08
C ASN A 93 19.33 -0.52 11.89
N VAL A 94 19.81 0.30 10.94
CA VAL A 94 21.23 0.40 10.64
C VAL A 94 21.86 1.65 11.24
N GLU A 95 21.17 2.36 12.11
CA GLU A 95 21.67 3.65 12.60
C GLU A 95 22.81 3.46 13.57
N GLY A 96 23.71 4.44 13.60
CA GLY A 96 24.63 4.58 14.71
C GLY A 96 25.86 3.70 14.71
N LYS A 97 26.28 3.15 13.57
CA LYS A 97 27.50 2.38 13.50
C LYS A 97 28.36 2.93 12.37
N ALA A 98 29.64 2.56 12.40
CA ALA A 98 30.67 3.24 11.60
C ALA A 98 31.71 2.27 11.05
N PRO A 99 31.35 1.49 10.03
CA PRO A 99 30.03 1.38 9.41
C PRO A 99 29.21 0.30 10.09
N PHE A 100 27.89 0.36 9.84
CA PHE A 100 27.02 -0.81 10.04
C PHE A 100 27.31 -1.80 8.93
N VAL A 101 27.71 -3.02 9.28
CA VAL A 101 28.13 -4.03 8.31
C VAL A 101 27.02 -5.04 8.12
N ILE A 102 26.52 -5.19 6.89
CA ILE A 102 25.58 -6.24 6.53
C ILE A 102 26.32 -7.30 5.72
N LEU A 103 26.34 -8.52 6.24
CA LEU A 103 26.86 -9.68 5.50
C LEU A 103 25.69 -10.38 4.80
N MET A 104 25.68 -10.34 3.47
CA MET A 104 24.60 -10.89 2.67
C MET A 104 24.95 -12.32 2.28
N VAL A 105 24.15 -13.27 2.74
CA VAL A 105 24.38 -14.68 2.49
C VAL A 105 23.20 -15.27 1.74
N GLY A 106 23.45 -16.38 1.06
CA GLY A 106 22.42 -17.05 0.27
C GLY A 106 23.02 -17.69 -0.95
N VAL A 107 22.21 -18.52 -1.59
CA VAL A 107 22.65 -19.18 -2.81
C VAL A 107 22.51 -18.24 -4.01
N ASN A 108 23.16 -18.59 -5.11
CA ASN A 108 22.99 -17.84 -6.33
C ASN A 108 21.59 -18.09 -6.90
N GLY A 109 21.07 -17.08 -7.59
CA GLY A 109 19.80 -17.17 -8.26
C GLY A 109 18.60 -16.67 -7.47
N VAL A 110 18.78 -16.31 -6.20
CA VAL A 110 17.61 -16.00 -5.36
C VAL A 110 17.31 -14.51 -5.24
N GLY A 111 18.15 -13.64 -5.77
CA GLY A 111 17.97 -12.21 -5.69
C GLY A 111 18.93 -11.50 -4.76
N LYS A 112 19.97 -12.18 -4.34
CA LYS A 112 20.93 -11.58 -3.38
C LYS A 112 21.52 -10.24 -3.97
N THR A 113 22.08 -10.30 -5.18
CA THR A 113 22.71 -9.08 -5.74
C THR A 113 21.70 -7.92 -5.99
N THR A 114 20.52 -8.28 -6.49
CA THR A 114 19.47 -7.30 -6.70
C THR A 114 19.10 -6.62 -5.40
N THR A 115 18.99 -7.42 -4.32
CA THR A 115 18.63 -6.87 -3.03
C THR A 115 19.69 -5.92 -2.51
N ILE A 116 20.96 -6.29 -2.68
CA ILE A 116 22.07 -5.38 -2.32
C ILE A 116 21.87 -4.02 -2.97
N GLY A 117 21.63 -4.02 -4.28
CA GLY A 117 21.50 -2.77 -5.00
C GLY A 117 20.33 -1.95 -4.52
N LYS A 118 19.19 -2.59 -4.29
CA LYS A 118 18.01 -1.87 -3.80
C LYS A 118 18.26 -1.31 -2.41
N LEU A 119 18.85 -2.11 -1.51
CA LEU A 119 19.17 -1.61 -0.19
C LEU A 119 20.12 -0.43 -0.25
N ALA A 120 21.17 -0.54 -1.07
CA ALA A 120 22.15 0.54 -1.21
C ALA A 120 21.47 1.82 -1.66
N ARG A 121 20.58 1.74 -2.65
CA ARG A 121 19.89 2.93 -3.13
C ARG A 121 18.99 3.52 -2.04
N GLN A 122 18.28 2.66 -1.31
CA GLN A 122 17.41 3.13 -0.24
C GLN A 122 18.21 3.83 0.86
N PHE A 123 19.31 3.22 1.30
CA PHE A 123 20.10 3.83 2.36
C PHE A 123 20.65 5.20 1.92
N GLU A 124 21.09 5.32 0.67
CA GLU A 124 21.59 6.60 0.19
C GLU A 124 20.47 7.64 0.14
N GLN A 125 19.25 7.23 -0.21
CA GLN A 125 18.12 8.16 -0.17
C GLN A 125 17.83 8.64 1.24
N GLN A 126 18.12 7.80 2.23
CA GLN A 126 17.96 8.14 3.64
C GLN A 126 19.10 9.02 4.17
N GLY A 127 20.06 9.40 3.32
CA GLY A 127 21.16 10.25 3.71
C GLY A 127 22.41 9.52 4.13
N LYS A 128 22.48 8.21 3.94
CA LYS A 128 23.65 7.46 4.37
C LYS A 128 24.64 7.31 3.23
N SER A 129 25.92 7.23 3.59
CA SER A 129 26.96 6.88 2.64
C SER A 129 27.12 5.36 2.69
N VAL A 130 27.13 4.74 1.53
CA VAL A 130 27.13 3.29 1.39
C VAL A 130 28.39 2.88 0.65
N MET A 131 28.90 1.71 1.00
CA MET A 131 29.98 1.06 0.30
C MET A 131 29.62 -0.41 0.11
N LEU A 132 30.05 -0.99 -1.01
CA LEU A 132 29.83 -2.40 -1.28
C LEU A 132 31.14 -3.17 -1.33
N ALA A 133 31.08 -4.43 -0.91
CA ALA A 133 32.23 -5.32 -1.00
C ALA A 133 31.87 -6.46 -1.94
N ALA A 134 32.68 -6.64 -2.98
CA ALA A 134 32.43 -7.67 -4.00
C ALA A 134 33.07 -8.99 -3.55
N GLY A 135 32.43 -9.62 -2.57
CA GLY A 135 32.95 -10.84 -1.99
C GLY A 135 32.68 -12.14 -2.75
N ASP A 136 31.92 -12.11 -3.84
CA ASP A 136 31.70 -13.28 -4.70
C ASP A 136 32.86 -13.36 -5.71
N THR A 137 34.02 -13.72 -5.19
CA THR A 137 35.29 -13.35 -5.83
C THR A 137 35.68 -14.22 -7.02
N PHE A 138 35.08 -15.39 -7.18
CA PHE A 138 35.45 -16.29 -8.28
C PHE A 138 34.53 -16.16 -9.48
N ARG A 139 33.54 -15.27 -9.43
CA ARG A 139 32.57 -15.05 -10.52
C ARG A 139 32.89 -13.70 -11.16
N ALA A 140 33.74 -13.74 -12.19
CA ALA A 140 34.35 -12.51 -12.71
C ALA A 140 33.31 -11.59 -13.33
N ALA A 141 32.32 -12.13 -14.04
CA ALA A 141 31.30 -11.28 -14.65
C ALA A 141 30.42 -10.61 -13.59
N ALA A 142 30.15 -11.33 -12.50
CA ALA A 142 29.35 -10.78 -11.40
C ALA A 142 30.08 -9.63 -10.70
N VAL A 143 31.38 -9.79 -10.47
CA VAL A 143 32.16 -8.74 -9.83
C VAL A 143 32.18 -7.50 -10.72
N GLU A 144 32.42 -7.68 -12.02
CA GLU A 144 32.50 -6.51 -12.90
C GLU A 144 31.14 -5.83 -13.03
N GLN A 145 30.05 -6.59 -13.02
CA GLN A 145 28.71 -5.99 -13.07
C GLN A 145 28.47 -5.13 -11.85
N LEU A 146 28.86 -5.62 -10.66
CA LEU A 146 28.69 -4.84 -9.44
C LEU A 146 29.51 -3.57 -9.49
N GLN A 147 30.72 -3.66 -10.02
CA GLN A 147 31.57 -2.48 -10.20
C GLN A 147 30.93 -1.48 -11.16
N VAL A 148 30.44 -1.96 -12.31
CA VAL A 148 29.75 -1.06 -13.23
C VAL A 148 28.54 -0.41 -12.54
N TRP A 149 27.81 -1.19 -11.76
CA TRP A 149 26.67 -0.66 -11.03
C TRP A 149 27.10 0.42 -10.05
N GLY A 150 28.16 0.17 -9.30
CA GLY A 150 28.65 1.17 -8.37
C GLY A 150 29.07 2.45 -9.07
N GLN A 151 29.71 2.32 -10.23
CA GLN A 151 30.11 3.50 -10.98
C GLN A 151 28.91 4.28 -11.50
N ARG A 152 27.86 3.57 -11.93
CA ARG A 152 26.66 4.26 -12.41
C ARG A 152 25.97 5.01 -11.29
N ASN A 153 26.03 4.51 -10.06
CA ASN A 153 25.28 5.06 -8.94
C ASN A 153 26.15 5.83 -7.96
N ASN A 154 27.43 6.01 -8.28
CA ASN A 154 28.35 6.78 -7.44
C ASN A 154 28.42 6.20 -6.04
N ILE A 155 28.57 4.88 -5.97
CA ILE A 155 28.68 4.15 -4.73
C ILE A 155 29.96 3.31 -4.81
N PRO A 156 30.90 3.46 -3.89
CA PRO A 156 32.19 2.76 -4.01
C PRO A 156 32.03 1.24 -3.86
N VAL A 157 32.82 0.51 -4.65
CA VAL A 157 32.79 -0.95 -4.67
C VAL A 157 34.20 -1.44 -4.48
N ILE A 158 34.42 -2.22 -3.42
CA ILE A 158 35.73 -2.78 -3.12
C ILE A 158 35.81 -4.17 -3.74
N ALA A 159 36.85 -4.41 -4.53
CA ALA A 159 36.98 -5.67 -5.24
C ALA A 159 38.46 -5.98 -5.43
N GLN A 160 38.73 -7.26 -5.71
CA GLN A 160 40.05 -7.74 -6.05
C GLN A 160 39.95 -8.66 -7.27
N HIS A 161 41.11 -9.17 -7.69
CA HIS A 161 41.19 -10.02 -8.88
C HIS A 161 40.31 -11.25 -8.74
N THR A 162 39.95 -11.82 -9.89
CA THR A 162 39.20 -13.05 -9.93
C THR A 162 39.96 -14.13 -9.17
N GLY A 163 39.27 -14.78 -8.22
CA GLY A 163 39.87 -15.81 -7.42
C GLY A 163 40.50 -15.31 -6.14
N ALA A 164 40.35 -14.03 -5.82
CA ALA A 164 40.87 -13.52 -4.57
C ALA A 164 40.14 -14.14 -3.39
N ASP A 165 40.78 -14.05 -2.24
CA ASP A 165 40.17 -14.51 -1.00
C ASP A 165 39.05 -13.55 -0.60
N SER A 166 37.84 -14.09 -0.49
CA SER A 166 36.69 -13.27 -0.12
CA SER A 166 36.69 -13.27 -0.12
C SER A 166 36.92 -12.57 1.23
N ALA A 167 37.49 -13.28 2.20
CA ALA A 167 37.73 -12.66 3.49
C ALA A 167 38.69 -11.47 3.38
N SER A 168 39.66 -11.55 2.46
CA SER A 168 40.58 -10.42 2.27
C SER A 168 39.90 -9.24 1.62
N VAL A 169 39.01 -9.48 0.64
CA VAL A 169 38.27 -8.38 0.04
C VAL A 169 37.43 -7.68 1.10
N ILE A 170 36.77 -8.46 1.95
CA ILE A 170 35.88 -7.86 2.93
C ILE A 170 36.67 -7.14 4.02
N PHE A 171 37.86 -7.67 4.39
CA PHE A 171 38.73 -6.95 5.30
C PHE A 171 39.13 -5.59 4.73
N ASP A 172 39.58 -5.58 3.48
CA ASP A 172 39.93 -4.30 2.84
C ASP A 172 38.73 -3.36 2.81
N ALA A 173 37.53 -3.91 2.61
CA ALA A 173 36.36 -3.05 2.51
C ALA A 173 36.00 -2.43 3.86
N ILE A 174 36.09 -3.19 4.95
CA ILE A 174 35.83 -2.61 6.24
C ILE A 174 36.87 -1.54 6.55
N GLN A 175 38.14 -1.80 6.24
CA GLN A 175 39.18 -0.79 6.45
C GLN A 175 38.87 0.48 5.70
N ALA A 176 38.51 0.35 4.42
CA ALA A 176 38.18 1.51 3.60
C ALA A 176 36.93 2.21 4.10
N ALA A 177 35.91 1.45 4.52
CA ALA A 177 34.69 2.04 5.02
C ALA A 177 34.95 2.88 6.28
N LYS A 178 35.80 2.40 7.17
CA LYS A 178 36.14 3.16 8.35
C LYS A 178 36.89 4.43 8.00
N ALA A 179 37.85 4.32 7.09
CA ALA A 179 38.64 5.49 6.68
C ALA A 179 37.77 6.54 5.99
N ARG A 180 36.69 6.13 5.33
CA ARG A 180 35.86 7.03 4.55
C ARG A 180 34.55 7.42 5.23
N ASN A 181 34.41 7.13 6.52
CA ASN A 181 33.22 7.54 7.28
C ASN A 181 31.95 6.98 6.64
N ILE A 182 32.03 5.75 6.14
CA ILE A 182 30.88 5.08 5.56
C ILE A 182 29.89 4.69 6.66
N ASP A 183 28.60 4.86 6.37
CA ASP A 183 27.53 4.53 7.31
C ASP A 183 27.10 3.08 7.21
N VAL A 184 27.04 2.52 6.00
CA VAL A 184 26.60 1.16 5.79
C VAL A 184 27.51 0.50 4.77
N LEU A 185 28.09 -0.63 5.15
CA LEU A 185 28.88 -1.47 4.26
C LEU A 185 28.10 -2.74 4.01
N ILE A 186 27.83 -3.06 2.75
CA ILE A 186 27.09 -4.27 2.37
C ILE A 186 28.08 -5.19 1.66
N ALA A 187 28.30 -6.37 2.24
CA ALA A 187 29.25 -7.34 1.70
C ALA A 187 28.51 -8.48 1.02
N ASP A 188 28.71 -8.63 -0.29
CA ASP A 188 28.26 -9.78 -1.06
C ASP A 188 29.16 -10.98 -0.76
N THR A 189 28.61 -12.17 -0.94
CA THR A 189 29.34 -13.42 -0.73
C THR A 189 29.02 -14.40 -1.84
N ALA A 190 29.82 -15.47 -1.91
CA ALA A 190 29.58 -16.50 -2.90
C ALA A 190 28.30 -17.25 -2.60
N GLY A 191 27.72 -17.83 -3.63
CA GLY A 191 26.50 -18.59 -3.44
C GLY A 191 26.48 -19.85 -4.29
N ARG A 192 27.66 -20.39 -4.57
CA ARG A 192 27.82 -21.53 -5.45
C ARG A 192 27.27 -22.79 -4.81
N LEU A 193 26.78 -23.71 -5.65
CA LEU A 193 26.07 -24.88 -5.16
C LEU A 193 26.95 -26.09 -4.90
N GLN A 194 27.96 -26.34 -5.72
CA GLN A 194 28.82 -27.49 -5.52
C GLN A 194 29.59 -27.37 -4.20
N ASN A 195 29.77 -28.49 -3.50
CA ASN A 195 30.52 -28.53 -2.23
C ASN A 195 30.06 -27.49 -1.20
N LYS A 196 28.88 -27.70 -0.63
CA LYS A 196 28.32 -26.79 0.35
C LYS A 196 29.22 -26.58 1.57
N SER A 197 29.88 -27.64 2.04
CA SER A 197 30.73 -27.51 3.21
C SER A 197 31.81 -26.44 3.01
N HIS A 198 32.34 -26.33 1.79
CA HIS A 198 33.36 -25.32 1.53
C HIS A 198 32.78 -23.92 1.63
N LEU A 199 31.55 -23.73 1.18
CA LEU A 199 30.94 -22.41 1.28
C LEU A 199 30.73 -22.02 2.73
N MET A 200 30.25 -22.94 3.56
CA MET A 200 30.01 -22.60 4.96
C MET A 200 31.31 -22.26 5.68
N GLU A 201 32.39 -23.01 5.40
CA GLU A 201 33.67 -22.68 6.01
C GLU A 201 34.16 -21.31 5.54
N GLU A 202 33.84 -20.92 4.30
CA GLU A 202 34.22 -19.62 3.80
C GLU A 202 33.52 -18.51 4.58
N LEU A 203 32.25 -18.71 4.94
CA LEU A 203 31.52 -17.67 5.65
C LEU A 203 32.05 -17.48 7.06
N LYS A 204 32.39 -18.58 7.75
CA LYS A 204 32.98 -18.46 9.08
C LYS A 204 34.34 -17.75 9.04
N LYS A 205 35.12 -18.00 7.98
CA LYS A 205 36.39 -17.28 7.83
C LYS A 205 36.14 -15.79 7.64
N ILE A 206 35.12 -15.44 6.85
CA ILE A 206 34.81 -14.04 6.63
C ILE A 206 34.48 -13.36 7.95
N VAL A 207 33.67 -14.01 8.79
CA VAL A 207 33.25 -13.40 10.04
C VAL A 207 34.44 -13.19 10.97
N ARG A 208 35.29 -14.21 11.09
CA ARG A 208 36.47 -14.09 11.93
C ARG A 208 37.38 -12.96 11.47
N VAL A 209 37.57 -12.81 10.16
CA VAL A 209 38.46 -11.78 9.65
C VAL A 209 37.86 -10.39 9.87
N MET A 210 36.54 -10.27 9.69
CA MET A 210 35.85 -9.02 10.01
C MET A 210 36.16 -8.56 11.42
N LYS A 211 36.13 -9.48 12.37
CA LYS A 211 36.24 -9.11 13.77
C LYS A 211 37.65 -8.68 14.14
N LYS A 212 38.62 -8.87 13.25
CA LYS A 212 39.94 -8.28 13.46
C LYS A 212 39.88 -6.76 13.43
N LEU A 213 38.90 -6.20 12.72
CA LEU A 213 38.73 -4.76 12.61
C LEU A 213 37.58 -4.21 13.45
N ASP A 214 36.53 -5.00 13.70
CA ASP A 214 35.41 -4.52 14.50
C ASP A 214 34.76 -5.75 15.09
N VAL A 215 34.83 -5.91 16.42
CA VAL A 215 34.28 -7.12 17.02
C VAL A 215 32.76 -7.22 16.92
N GLU A 216 32.07 -6.11 16.63
CA GLU A 216 30.63 -6.16 16.45
C GLU A 216 30.22 -6.54 15.03
N ALA A 217 31.12 -6.53 14.10
CA ALA A 217 30.80 -6.84 12.72
C ALA A 217 30.82 -8.36 12.50
N PRO A 218 29.94 -8.89 11.65
CA PRO A 218 28.84 -8.20 10.95
C PRO A 218 27.66 -7.89 11.88
N HIS A 219 27.13 -6.67 11.77
CA HIS A 219 26.03 -6.24 12.62
C HIS A 219 24.72 -6.92 12.24
N GLU A 220 24.62 -7.32 10.97
CA GLU A 220 23.48 -8.05 10.45
C GLU A 220 24.02 -9.13 9.53
N VAL A 221 23.57 -10.37 9.74
CA VAL A 221 23.81 -11.45 8.80
C VAL A 221 22.45 -11.71 8.15
N MET A 222 22.32 -11.29 6.89
CA MET A 222 21.04 -11.32 6.20
CA MET A 222 21.04 -11.30 6.19
C MET A 222 21.04 -12.40 5.14
N LEU A 223 20.09 -13.32 5.26
CA LEU A 223 19.85 -14.31 4.22
C LEU A 223 18.87 -13.74 3.22
N THR A 224 19.13 -13.98 1.92
CA THR A 224 18.12 -13.76 0.89
C THR A 224 17.65 -15.13 0.40
N ILE A 225 16.32 -15.33 0.39
CA ILE A 225 15.69 -16.51 -0.16
C ILE A 225 14.55 -16.03 -1.06
N ASP A 226 14.15 -16.94 -1.96
CA ASP A 226 13.26 -16.71 -3.10
C ASP A 226 11.99 -17.49 -2.84
N ALA A 227 10.87 -16.78 -2.65
CA ALA A 227 9.63 -17.47 -2.31
C ALA A 227 9.20 -18.45 -3.41
N SER A 228 9.57 -18.18 -4.67
CA SER A 228 9.15 -19.06 -5.76
C SER A 228 9.85 -20.41 -5.72
N THR A 229 10.85 -20.58 -4.85
CA THR A 229 11.48 -21.88 -4.68
C THR A 229 10.83 -22.73 -3.60
N GLY A 230 9.71 -22.28 -3.03
CA GLY A 230 9.00 -23.11 -2.08
C GLY A 230 9.85 -23.60 -0.93
N GLN A 231 9.77 -24.91 -0.65
CA GLN A 231 10.45 -25.45 0.52
C GLN A 231 11.96 -25.39 0.41
N ASN A 232 12.51 -25.15 -0.77
CA ASN A 232 13.96 -24.92 -0.88
C ASN A 232 14.37 -23.69 -0.08
N ALA A 233 13.49 -22.69 0.01
CA ALA A 233 13.79 -21.53 0.83
C ALA A 233 13.97 -21.93 2.29
N VAL A 234 13.17 -22.89 2.75
CA VAL A 234 13.28 -23.34 4.12
C VAL A 234 14.58 -24.11 4.33
N SER A 235 14.91 -25.01 3.39
CA SER A 235 16.14 -25.78 3.52
C SER A 235 17.37 -24.87 3.45
N GLN A 236 17.30 -23.84 2.61
CA GLN A 236 18.42 -22.89 2.54
C GLN A 236 18.56 -22.12 3.86
N ALA A 237 17.44 -21.66 4.42
CA ALA A 237 17.52 -20.93 5.68
C ALA A 237 18.13 -21.80 6.77
N LYS A 238 17.74 -23.07 6.85
CA LYS A 238 18.31 -23.95 7.86
C LYS A 238 19.81 -24.12 7.66
N LEU A 239 20.23 -24.33 6.42
CA LEU A 239 21.64 -24.48 6.12
C LEU A 239 22.44 -23.26 6.57
N PHE A 240 22.02 -22.06 6.17
CA PHE A 240 22.81 -20.89 6.50
C PHE A 240 22.70 -20.53 7.97
N HIS A 241 21.55 -20.78 8.60
CA HIS A 241 21.41 -20.42 10.01
C HIS A 241 22.29 -21.29 10.89
N GLU A 242 22.35 -22.59 10.60
CA GLU A 242 23.20 -23.49 11.36
C GLU A 242 24.67 -23.24 11.07
N ALA A 243 24.99 -22.72 9.88
CA ALA A 243 26.40 -22.55 9.51
C ALA A 243 26.98 -21.26 10.06
N VAL A 244 26.23 -20.15 10.02
CA VAL A 244 26.81 -18.87 10.38
C VAL A 244 26.03 -18.12 11.44
N GLY A 245 24.72 -18.31 11.49
CA GLY A 245 23.92 -17.58 12.45
C GLY A 245 23.30 -16.35 11.85
N LEU A 246 22.05 -16.49 11.38
CA LEU A 246 21.37 -15.39 10.74
C LEU A 246 20.79 -14.44 11.76
N THR A 247 20.69 -13.16 11.38
CA THR A 247 19.96 -12.20 12.18
C THR A 247 18.81 -11.53 11.43
N GLY A 248 18.71 -11.71 10.12
CA GLY A 248 17.61 -11.16 9.35
C GLY A 248 17.43 -11.93 8.07
N ILE A 249 16.22 -11.86 7.52
CA ILE A 249 15.89 -12.54 6.26
C ILE A 249 15.23 -11.55 5.32
N THR A 250 15.59 -11.62 4.04
CA THR A 250 14.83 -10.99 2.97
C THR A 250 14.21 -12.10 2.12
N LEU A 251 12.89 -12.02 1.90
CA LEU A 251 12.20 -13.00 1.08
C LEU A 251 11.77 -12.31 -0.21
N THR A 252 12.35 -12.78 -1.32
CA THR A 252 12.15 -12.14 -2.62
C THR A 252 11.12 -12.88 -3.45
N LYS A 253 10.71 -12.21 -4.53
CA LYS A 253 9.94 -12.84 -5.62
C LYS A 253 8.60 -13.38 -5.12
N LEU A 254 7.97 -12.64 -4.21
CA LEU A 254 6.62 -13.00 -3.81
C LEU A 254 5.63 -12.75 -4.94
N ASP A 255 5.93 -11.81 -5.81
CA ASP A 255 5.02 -11.48 -6.91
C ASP A 255 5.05 -12.55 -7.99
N GLY A 256 3.87 -13.06 -8.33
CA GLY A 256 3.76 -14.06 -9.38
C GLY A 256 4.03 -15.50 -9.00
N THR A 257 4.06 -15.83 -7.71
CA THR A 257 4.26 -17.22 -7.31
C THR A 257 3.07 -17.61 -6.44
N ALA A 258 2.66 -18.87 -6.58
CA ALA A 258 1.62 -19.39 -5.70
C ALA A 258 2.17 -19.96 -4.41
N LYS A 259 3.49 -19.87 -4.19
CA LYS A 259 4.13 -20.49 -3.05
C LYS A 259 4.43 -19.50 -1.93
N GLY A 260 3.79 -18.34 -1.94
CA GLY A 260 4.09 -17.31 -0.95
C GLY A 260 3.82 -17.73 0.48
N GLY A 261 2.98 -18.75 0.67
CA GLY A 261 2.73 -19.30 1.99
C GLY A 261 3.95 -19.85 2.66
N VAL A 262 5.05 -20.03 1.91
CA VAL A 262 6.29 -20.46 2.52
C VAL A 262 6.75 -19.45 3.56
N ILE A 263 6.30 -18.18 3.49
CA ILE A 263 6.69 -17.20 4.50
C ILE A 263 6.28 -17.66 5.89
N PHE A 264 5.16 -18.37 6.02
CA PHE A 264 4.74 -18.85 7.33
C PHE A 264 5.68 -19.94 7.84
N SER A 265 6.18 -20.79 6.95
CA SER A 265 7.11 -21.84 7.34
C SER A 265 8.42 -21.24 7.82
N VAL A 266 8.93 -20.26 7.07
CA VAL A 266 10.18 -19.60 7.45
C VAL A 266 10.03 -18.91 8.79
N ALA A 267 8.94 -18.16 8.97
CA ALA A 267 8.72 -17.46 10.23
C ALA A 267 8.63 -18.42 11.40
N ASP A 268 7.82 -19.46 11.27
CA ASP A 268 7.54 -20.33 12.40
C ASP A 268 8.75 -21.22 12.73
N GLN A 269 9.45 -21.72 11.71
CA GLN A 269 10.51 -22.68 11.98
C GLN A 269 11.73 -22.02 12.60
N PHE A 270 12.01 -20.76 12.28
CA PHE A 270 13.26 -20.14 12.68
C PHE A 270 13.14 -18.94 13.60
N GLY A 271 12.05 -18.19 13.55
CA GLY A 271 11.88 -17.06 14.45
C GLY A 271 12.82 -15.91 14.20
N ILE A 272 13.48 -15.88 13.04
CA ILE A 272 14.41 -14.84 12.65
C ILE A 272 13.61 -13.71 12.00
N PRO A 273 13.85 -12.45 12.35
CA PRO A 273 13.08 -11.36 11.75
C PRO A 273 13.16 -11.39 10.23
N ILE A 274 12.00 -11.17 9.61
CA ILE A 274 11.96 -10.95 8.16
C ILE A 274 12.05 -9.45 7.99
N ARG A 275 13.18 -8.98 7.46
CA ARG A 275 13.40 -7.55 7.41
C ARG A 275 12.69 -6.91 6.22
N TYR A 276 12.71 -7.59 5.07
CA TYR A 276 12.20 -7.06 3.82
C TYR A 276 11.54 -8.18 3.02
N ILE A 277 10.53 -7.82 2.23
CA ILE A 277 9.94 -8.71 1.24
C ILE A 277 10.06 -8.04 -0.12
N GLY A 278 10.40 -8.82 -1.13
CA GLY A 278 10.49 -8.32 -2.50
C GLY A 278 9.20 -8.67 -3.23
N VAL A 279 8.50 -7.63 -3.67
CA VAL A 279 7.15 -7.84 -4.24
C VAL A 279 7.01 -7.16 -5.60
N GLY A 280 8.13 -6.81 -6.21
CA GLY A 280 8.08 -6.18 -7.51
C GLY A 280 9.44 -5.66 -7.90
N GLU A 281 9.44 -4.97 -9.05
CA GLU A 281 10.68 -4.60 -9.71
C GLU A 281 11.26 -3.27 -9.22
N ARG A 282 10.46 -2.41 -8.61
CA ARG A 282 10.93 -1.10 -8.22
C ARG A 282 11.90 -1.24 -7.04
N ILE A 283 12.76 -0.23 -6.90
CA ILE A 283 13.55 -0.10 -5.70
C ILE A 283 12.63 -0.13 -4.48
N GLU A 284 11.51 0.60 -4.55
CA GLU A 284 10.59 0.63 -3.43
C GLU A 284 9.83 -0.67 -3.21
N ASP A 285 9.88 -1.58 -4.17
CA ASP A 285 9.22 -2.87 -3.98
C ASP A 285 10.02 -3.85 -3.14
N LEU A 286 11.25 -3.52 -2.78
CA LEU A 286 11.89 -4.16 -1.64
C LEU A 286 11.35 -3.41 -0.43
N ARG A 287 10.27 -3.94 0.14
CA ARG A 287 9.59 -3.20 1.19
C ARG A 287 9.91 -3.75 2.56
N PRO A 288 9.99 -2.90 3.57
CA PRO A 288 10.08 -3.41 4.94
C PRO A 288 8.90 -4.32 5.25
N PHE A 289 9.19 -5.46 5.88
CA PHE A 289 8.14 -6.41 6.18
C PHE A 289 7.29 -5.91 7.35
N LYS A 290 5.99 -5.82 7.13
CA LYS A 290 4.99 -5.44 8.13
C LYS A 290 3.95 -6.55 8.17
N ALA A 291 3.91 -7.29 9.27
CA ALA A 291 3.08 -8.47 9.35
C ALA A 291 1.58 -8.14 9.18
N ASP A 292 1.10 -7.06 9.80
CA ASP A 292 -0.32 -6.81 9.75
C ASP A 292 -0.76 -6.40 8.33
N ASP A 293 0.07 -5.65 7.61
CA ASP A 293 -0.23 -5.35 6.22
C ASP A 293 -0.31 -6.63 5.38
N PHE A 294 0.66 -7.53 5.57
CA PHE A 294 0.72 -8.75 4.79
C PHE A 294 -0.53 -9.60 5.06
N ILE A 295 -0.92 -9.73 6.32
CA ILE A 295 -2.11 -10.51 6.66
C ILE A 295 -3.36 -9.86 6.12
N GLU A 296 -3.47 -8.53 6.22
CA GLU A 296 -4.64 -7.84 5.70
C GLU A 296 -4.78 -8.04 4.19
N ALA A 297 -3.68 -7.92 3.46
CA ALA A 297 -3.72 -8.16 2.03
C ALA A 297 -4.13 -9.60 1.73
N LEU A 298 -3.59 -10.55 2.50
CA LEU A 298 -3.85 -11.95 2.23
C LEU A 298 -5.28 -12.32 2.52
N PHE A 299 -5.83 -11.85 3.64
CA PHE A 299 -7.16 -12.26 4.09
C PHE A 299 -8.28 -11.31 3.69
N ALA A 300 -7.98 -10.28 2.91
CA ALA A 300 -9.02 -9.35 2.50
C ALA A 300 -10.08 -10.06 1.66
N ARG A 301 -11.32 -9.69 1.88
CA ARG A 301 -12.45 -10.27 1.17
C ARG A 301 -13.40 -9.17 0.74
N GLY B 1 -2.05 4.46 -16.51
CA GLY B 1 -0.85 3.85 -15.99
C GLY B 1 -0.21 4.66 -14.87
N PHE B 2 0.75 4.03 -14.18
CA PHE B 2 1.48 4.71 -13.12
C PHE B 2 2.25 5.92 -13.66
N ALA B 3 2.77 5.84 -14.88
CA ALA B 3 3.54 6.96 -15.40
C ALA B 3 2.66 8.20 -15.55
N ARG B 4 1.41 8.01 -16.01
CA ARG B 4 0.47 9.10 -16.16
C ARG B 4 0.06 9.67 -14.82
N LEU B 5 -0.08 8.81 -13.81
CA LEU B 5 -0.43 9.30 -12.48
C LEU B 5 0.67 10.18 -11.92
N LYS B 6 1.93 9.75 -12.07
CA LYS B 6 3.03 10.57 -11.59
C LYS B 6 3.04 11.92 -12.30
N ARG B 7 2.84 11.91 -13.62
CA ARG B 7 2.86 13.17 -14.35
C ARG B 7 1.68 14.06 -13.94
N SER B 8 0.52 13.46 -13.66
CA SER B 8 -0.64 14.26 -13.28
C SER B 8 -0.46 14.97 -11.95
N LEU B 9 0.42 14.47 -11.07
CA LEU B 9 0.64 15.03 -9.75
C LEU B 9 1.88 15.93 -9.66
N LEU B 10 2.48 16.27 -10.80
CA LEU B 10 3.74 17.03 -10.79
C LEU B 10 3.61 18.32 -9.99
N LYS B 11 2.50 19.05 -10.14
CA LYS B 11 2.39 20.32 -9.44
C LYS B 11 2.28 20.13 -7.93
N THR B 12 1.58 19.09 -7.48
CA THR B 12 1.50 18.81 -6.04
C THR B 12 2.84 18.30 -5.52
N LYS B 13 3.59 17.57 -6.36
CA LYS B 13 4.90 17.06 -5.99
C LYS B 13 5.93 18.16 -5.83
N GLU B 14 5.65 19.40 -6.24
CA GLU B 14 6.58 20.48 -5.93
C GLU B 14 6.72 20.67 -4.43
N ASN B 15 5.62 20.48 -3.68
CA ASN B 15 5.54 20.79 -2.26
C ASN B 15 5.36 19.59 -1.35
N LEU B 16 4.81 18.50 -1.86
CA LEU B 16 4.57 17.32 -1.06
C LEU B 16 5.28 16.13 -1.70
N GLY B 17 5.47 15.09 -0.90
CA GLY B 17 6.09 13.87 -1.39
C GLY B 17 7.52 14.15 -1.81
N SER B 18 7.86 13.88 -3.07
CA SER B 18 9.22 14.16 -3.53
C SER B 18 9.60 15.62 -3.34
N GLY B 19 8.61 16.50 -3.19
CA GLY B 19 8.86 17.89 -2.90
C GLY B 19 9.52 18.11 -1.56
N PHE B 20 9.50 17.12 -0.67
CA PHE B 20 10.21 17.25 0.60
C PHE B 20 11.72 17.09 0.47
N ILE B 21 12.20 16.50 -0.62
CA ILE B 21 13.61 16.09 -0.70
C ILE B 21 14.53 17.31 -0.58
N SER B 22 14.22 18.37 -1.34
CA SER B 22 15.05 19.56 -1.29
C SER B 22 14.99 20.24 0.08
N LEU B 23 13.88 20.09 0.78
CA LEU B 23 13.75 20.66 2.12
C LEU B 23 14.69 19.98 3.11
N PHE B 24 14.88 18.67 2.97
CA PHE B 24 15.67 17.94 3.95
C PHE B 24 17.15 17.86 3.61
N ARG B 25 17.50 18.09 2.35
CA ARG B 25 18.86 17.88 1.86
C ARG B 25 19.89 18.60 2.73
N GLY B 26 20.77 17.83 3.36
CA GLY B 26 21.88 18.39 4.11
C GLY B 26 21.51 19.11 5.38
N LYS B 27 20.32 18.87 5.92
CA LYS B 27 19.91 19.55 7.14
C LYS B 27 19.96 18.60 8.34
N LYS B 28 20.00 19.19 9.52
CA LYS B 28 19.92 18.43 10.75
C LYS B 28 18.47 18.41 11.21
N ILE B 29 18.15 17.43 12.06
CA ILE B 29 16.81 17.33 12.64
C ILE B 29 16.77 18.24 13.85
N ASP B 30 16.07 19.37 13.73
CA ASP B 30 15.91 20.30 14.83
C ASP B 30 14.60 21.07 14.65
N ASP B 31 14.31 21.99 15.59
CA ASP B 31 13.04 22.69 15.55
C ASP B 31 12.91 23.57 14.32
N ASP B 32 14.01 24.19 13.87
CA ASP B 32 13.95 25.01 12.66
C ASP B 32 13.42 24.19 11.48
N LEU B 33 13.90 22.96 11.34
CA LEU B 33 13.45 22.12 10.24
C LEU B 33 11.97 21.78 10.39
N PHE B 34 11.54 21.39 11.60
CA PHE B 34 10.13 21.03 11.74
C PHE B 34 9.25 22.25 11.50
N GLU B 35 9.76 23.45 11.83
CA GLU B 35 8.97 24.64 11.54
C GLU B 35 8.84 24.87 10.03
N GLU B 36 9.93 24.68 9.29
CA GLU B 36 9.84 24.80 7.83
C GLU B 36 8.91 23.75 7.24
N LEU B 37 8.95 22.53 7.77
CA LEU B 37 8.11 21.45 7.23
C LEU B 37 6.64 21.72 7.52
N GLU B 38 6.33 22.16 8.74
CA GLU B 38 4.97 22.54 9.09
C GLU B 38 4.44 23.58 8.12
N GLU B 39 5.23 24.64 7.89
CA GLU B 39 4.81 25.68 6.96
C GLU B 39 4.53 25.10 5.58
N GLN B 40 5.41 24.22 5.09
CA GLN B 40 5.22 23.64 3.77
C GLN B 40 3.93 22.79 3.72
N LEU B 41 3.67 22.00 4.75
CA LEU B 41 2.43 21.21 4.76
C LEU B 41 1.20 22.11 4.75
N LEU B 42 1.23 23.20 5.54
CA LEU B 42 0.08 24.11 5.57
C LEU B 42 -0.11 24.81 4.25
N ILE B 43 0.97 25.26 3.61
CA ILE B 43 0.84 25.89 2.30
C ILE B 43 0.22 24.91 1.32
N ALA B 44 0.51 23.62 1.46
CA ALA B 44 -0.02 22.58 0.59
C ALA B 44 -1.47 22.22 0.89
N ASP B 45 -2.11 22.90 1.85
CA ASP B 45 -3.53 22.71 2.21
C ASP B 45 -3.77 21.42 2.99
N VAL B 46 -2.75 20.92 3.69
CA VAL B 46 -2.94 19.74 4.52
C VAL B 46 -3.75 20.04 5.77
N GLY B 47 -3.78 21.28 6.23
CA GLY B 47 -4.68 21.66 7.29
C GLY B 47 -4.00 21.67 8.65
N VAL B 48 -4.50 22.53 9.54
CA VAL B 48 -3.81 22.79 10.80
C VAL B 48 -3.78 21.53 11.66
N GLU B 49 -4.94 20.91 11.88
CA GLU B 49 -5.00 19.75 12.78
C GLU B 49 -4.24 18.57 12.20
N THR B 50 -4.39 18.30 10.90
CA THR B 50 -3.70 17.17 10.29
C THR B 50 -2.20 17.41 10.24
N THR B 51 -1.79 18.64 9.93
CA THR B 51 -0.37 18.96 9.96
C THR B 51 0.20 18.75 11.37
N ARG B 52 -0.51 19.19 12.39
CA ARG B 52 -0.03 19.01 13.76
C ARG B 52 0.19 17.54 14.08
N LYS B 53 -0.75 16.68 13.70
CA LYS B 53 -0.61 15.25 13.93
C LYS B 53 0.63 14.72 13.24
N ILE B 54 0.82 15.07 11.97
CA ILE B 54 1.97 14.58 11.22
C ILE B 54 3.26 15.00 11.89
N ILE B 55 3.40 16.29 12.22
CA ILE B 55 4.62 16.81 12.80
C ILE B 55 4.89 16.15 14.15
N THR B 56 3.85 16.02 14.98
CA THR B 56 4.03 15.37 16.27
C THR B 56 4.52 13.94 16.10
N ASN B 57 3.86 13.17 15.25
CA ASN B 57 4.26 11.77 15.07
C ASN B 57 5.65 11.67 14.47
N LEU B 58 6.00 12.57 13.55
CA LEU B 58 7.32 12.54 12.92
C LEU B 58 8.42 12.88 13.92
N THR B 59 8.19 13.91 14.74
CA THR B 59 9.17 14.30 15.75
C THR B 59 9.42 13.15 16.73
N GLU B 60 8.34 12.53 17.22
CA GLU B 60 8.49 11.43 18.17
C GLU B 60 9.15 10.21 17.52
N GLY B 61 8.78 9.90 16.27
CA GLY B 61 9.39 8.78 15.58
C GLY B 61 10.88 8.99 15.31
N ALA B 62 11.25 10.21 14.93
CA ALA B 62 12.66 10.50 14.66
C ALA B 62 13.49 10.36 15.93
N SER B 63 12.97 10.86 17.05
CA SER B 63 13.67 10.74 18.32
C SER B 63 13.80 9.29 18.76
N ARG B 64 12.72 8.52 18.66
CA ARG B 64 12.74 7.12 19.09
C ARG B 64 13.71 6.30 18.25
N LYS B 65 13.77 6.56 16.94
CA LYS B 65 14.66 5.83 16.05
C LYS B 65 16.08 6.40 16.06
N GLN B 66 16.32 7.50 16.77
CA GLN B 66 17.63 8.13 16.92
C GLN B 66 18.22 8.50 15.57
N LEU B 67 17.40 9.10 14.72
CA LEU B 67 17.84 9.54 13.42
C LEU B 67 18.78 10.73 13.53
N ARG B 68 19.75 10.76 12.62
CA ARG B 68 20.80 11.76 12.58
C ARG B 68 20.56 12.77 11.47
N ASP B 69 20.14 12.27 10.32
CA ASP B 69 20.07 13.05 9.09
C ASP B 69 18.63 13.35 8.76
N ALA B 70 18.37 14.60 8.37
CA ALA B 70 17.02 15.00 8.01
C ALA B 70 16.51 14.23 6.81
N GLU B 71 17.42 13.78 5.92
CA GLU B 71 17.00 12.98 4.78
C GLU B 71 16.24 11.74 5.22
N ALA B 72 16.54 11.22 6.41
CA ALA B 72 15.90 10.01 6.91
C ALA B 72 14.47 10.27 7.36
N LEU B 73 14.05 11.54 7.46
CA LEU B 73 12.66 11.83 7.77
C LEU B 73 11.74 11.47 6.61
N TYR B 74 12.26 11.35 5.40
CA TYR B 74 11.41 11.14 4.24
C TYR B 74 10.59 9.87 4.38
N GLY B 75 11.24 8.75 4.70
CA GLY B 75 10.52 7.50 4.84
C GLY B 75 9.49 7.52 5.96
N LEU B 76 9.80 8.19 7.07
CA LEU B 76 8.85 8.29 8.16
C LEU B 76 7.62 9.08 7.71
N LEU B 77 7.85 10.17 7.00
CA LEU B 77 6.75 10.99 6.49
C LEU B 77 5.91 10.23 5.47
N LYS B 78 6.55 9.47 4.59
CA LYS B 78 5.82 8.65 3.65
C LYS B 78 4.91 7.67 4.39
N GLU B 79 5.41 7.06 5.47
CA GLU B 79 4.58 6.14 6.24
C GLU B 79 3.43 6.87 6.95
N GLU B 80 3.72 8.00 7.61
CA GLU B 80 2.67 8.74 8.32
C GLU B 80 1.57 9.19 7.38
N MET B 81 1.94 9.79 6.25
CA MET B 81 0.93 10.26 5.31
C MET B 81 0.26 9.11 4.59
N GLY B 82 0.99 8.02 4.36
CA GLY B 82 0.37 6.84 3.78
C GLY B 82 -0.63 6.19 4.70
N GLU B 83 -0.39 6.28 6.01
CA GLU B 83 -1.34 5.69 6.95
C GLU B 83 -2.63 6.50 7.01
N ILE B 84 -2.55 7.82 6.87
CA ILE B 84 -3.76 8.63 6.78
C ILE B 84 -4.63 8.15 5.64
N LEU B 85 -4.05 7.93 4.46
CA LEU B 85 -4.85 7.53 3.31
C LEU B 85 -5.29 6.06 3.37
N ALA B 86 -4.48 5.20 3.98
CA ALA B 86 -4.87 3.80 4.08
C ALA B 86 -6.17 3.63 4.86
N LYS B 87 -6.43 4.49 5.83
CA LYS B 87 -7.65 4.41 6.63
C LYS B 87 -8.91 4.75 5.84
N VAL B 88 -8.78 5.33 4.65
CA VAL B 88 -9.95 5.67 3.84
C VAL B 88 -9.85 5.01 2.47
N ASP B 89 -9.21 3.85 2.39
CA ASP B 89 -8.90 3.20 1.12
C ASP B 89 -9.87 2.08 0.73
N GLU B 90 -11.04 1.99 1.37
CA GLU B 90 -12.04 0.97 1.01
C GLU B 90 -12.68 1.25 -0.35
N PRO B 91 -12.55 0.37 -1.34
CA PRO B 91 -13.13 0.65 -2.65
C PRO B 91 -14.66 0.61 -2.62
N LEU B 92 -15.25 1.36 -3.54
CA LEU B 92 -16.69 1.24 -3.76
C LEU B 92 -17.00 -0.02 -4.56
N ASN B 93 -17.90 -0.85 -4.01
CA ASN B 93 -18.39 -2.06 -4.67
C ASN B 93 -19.89 -1.88 -4.89
N VAL B 94 -20.29 -1.77 -6.15
CA VAL B 94 -21.70 -1.52 -6.50
C VAL B 94 -22.43 -2.79 -6.92
N GLU B 95 -21.82 -3.95 -6.70
CA GLU B 95 -22.38 -5.21 -7.19
C GLU B 95 -23.53 -5.71 -6.32
N GLY B 96 -24.42 -6.47 -6.95
CA GLY B 96 -25.34 -7.31 -6.23
C GLY B 96 -26.60 -6.64 -5.71
N LYS B 97 -27.00 -5.49 -6.25
CA LYS B 97 -28.23 -4.83 -5.88
C LYS B 97 -29.02 -4.51 -7.14
N ALA B 98 -30.29 -4.16 -6.96
CA ALA B 98 -31.22 -4.04 -8.08
C ALA B 98 -32.18 -2.89 -7.85
N PRO B 99 -31.73 -1.65 -8.01
CA PRO B 99 -30.34 -1.20 -8.28
C PRO B 99 -29.57 -0.90 -7.02
N PHE B 100 -28.23 -0.86 -7.16
CA PHE B 100 -27.37 -0.15 -6.21
C PHE B 100 -27.59 1.34 -6.43
N VAL B 101 -27.97 2.04 -5.39
CA VAL B 101 -28.35 3.46 -5.47
C VAL B 101 -27.22 4.31 -4.91
N ILE B 102 -26.66 5.17 -5.76
CA ILE B 102 -25.67 6.17 -5.35
C ILE B 102 -26.35 7.53 -5.32
N LEU B 103 -26.41 8.13 -4.15
CA LEU B 103 -26.90 9.50 -4.01
C LEU B 103 -25.69 10.43 -4.07
N MET B 104 -25.65 11.25 -5.13
CA MET B 104 -24.54 12.17 -5.36
C MET B 104 -24.85 13.51 -4.73
N VAL B 105 -24.04 13.91 -3.75
CA VAL B 105 -24.22 15.19 -3.08
C VAL B 105 -23.00 16.07 -3.27
N GLY B 106 -23.21 17.36 -3.09
CA GLY B 106 -22.12 18.31 -3.24
C GLY B 106 -22.60 19.62 -3.83
N VAL B 107 -21.73 20.64 -3.84
CA VAL B 107 -22.12 21.92 -4.41
C VAL B 107 -22.05 21.84 -5.93
N ASN B 108 -22.49 22.89 -6.60
N ASN B 108 -22.78 22.73 -6.58
CA ASN B 108 -22.30 23.02 -8.03
CA ASN B 108 -22.96 22.63 -8.02
C ASN B 108 -20.89 23.50 -8.36
C ASN B 108 -21.66 22.96 -8.74
N GLY B 109 -20.42 23.13 -9.55
N GLY B 109 -21.37 22.19 -9.78
CA GLY B 109 -19.17 23.64 -10.09
CA GLY B 109 -20.14 22.42 -10.51
C GLY B 109 -17.91 22.95 -9.59
C GLY B 109 -19.84 21.31 -11.48
N VAL B 110 -18.01 21.80 -8.93
N VAL B 110 -18.75 21.50 -12.22
CA VAL B 110 -16.88 21.08 -8.39
CA VAL B 110 -18.36 20.54 -13.25
C VAL B 110 -16.64 19.76 -9.14
C VAL B 110 -18.02 19.21 -12.60
N GLY B 111 -17.33 19.56 -10.25
N GLY B 111 -17.33 19.25 -11.46
CA GLY B 111 -17.16 18.34 -11.02
CA GLY B 111 -16.89 18.02 -10.83
C GLY B 111 -18.18 17.26 -10.70
C GLY B 111 -18.01 17.05 -10.58
N LYS B 112 -19.23 17.60 -9.96
N LYS B 112 -19.11 17.53 -9.99
CA LYS B 112 -20.25 16.62 -9.62
CA LYS B 112 -20.23 16.66 -9.65
C LYS B 112 -20.90 16.05 -10.88
C LYS B 112 -20.87 16.06 -10.88
N THR B 113 -21.31 16.90 -11.82
CA THR B 113 -22.01 16.38 -13.00
C THR B 113 -21.05 15.58 -13.85
N THR B 114 -19.80 16.05 -13.99
CA THR B 114 -18.82 15.29 -14.75
C THR B 114 -18.59 13.93 -14.14
N THR B 115 -18.54 13.86 -12.82
CA THR B 115 -18.30 12.60 -12.13
C THR B 115 -19.45 11.62 -12.36
N ILE B 116 -20.68 12.09 -12.31
CA ILE B 116 -21.83 11.25 -12.64
C ILE B 116 -21.63 10.60 -14.02
N GLY B 117 -21.29 11.41 -15.01
CA GLY B 117 -21.12 10.86 -16.36
C GLY B 117 -19.99 9.87 -16.45
N LYS B 118 -18.84 10.18 -15.86
CA LYS B 118 -17.73 9.24 -15.95
C LYS B 118 -18.06 7.95 -15.23
N LEU B 119 -18.63 8.02 -14.02
CA LEU B 119 -19.00 6.79 -13.32
C LEU B 119 -19.98 5.97 -14.13
N ALA B 120 -21.01 6.63 -14.70
CA ALA B 120 -21.99 5.92 -15.49
C ALA B 120 -21.31 5.16 -16.64
N ARG B 121 -20.38 5.82 -17.33
CA ARG B 121 -19.68 5.17 -18.45
C ARG B 121 -18.82 4.02 -17.96
N GLN B 122 -18.11 4.21 -16.85
CA GLN B 122 -17.27 3.12 -16.34
C GLN B 122 -18.11 1.90 -15.99
N PHE B 123 -19.25 2.10 -15.30
CA PHE B 123 -20.10 0.97 -14.94
C PHE B 123 -20.64 0.27 -16.19
N GLU B 124 -21.03 1.05 -17.21
CA GLU B 124 -21.53 0.44 -18.44
C GLU B 124 -20.44 -0.35 -19.13
N GLN B 125 -19.20 0.13 -19.10
CA GLN B 125 -18.09 -0.60 -19.69
C GLN B 125 -17.87 -1.94 -18.99
N GLN B 126 -18.16 -2.01 -17.70
CA GLN B 126 -18.05 -3.21 -16.88
C GLN B 126 -19.22 -4.17 -17.05
N GLY B 127 -20.16 -3.86 -17.92
CA GLY B 127 -21.29 -4.74 -18.16
C GLY B 127 -22.52 -4.46 -17.33
N LYS B 128 -22.54 -3.34 -16.61
CA LYS B 128 -23.69 -2.99 -15.78
C LYS B 128 -24.63 -2.08 -16.55
N SER B 129 -25.91 -2.18 -16.23
CA SER B 129 -26.91 -1.25 -16.75
C SER B 129 -27.07 -0.10 -15.76
N VAL B 130 -27.14 1.11 -16.29
CA VAL B 130 -27.12 2.32 -15.48
C VAL B 130 -28.34 3.18 -15.82
N MET B 131 -28.85 3.86 -14.80
CA MET B 131 -29.91 4.85 -14.93
C MET B 131 -29.50 6.07 -14.10
N LEU B 132 -29.89 7.25 -14.58
CA LEU B 132 -29.63 8.49 -13.87
C LEU B 132 -30.94 9.12 -13.44
N ALA B 133 -30.90 9.83 -12.31
CA ALA B 133 -32.02 10.63 -11.83
C ALA B 133 -31.60 12.09 -11.77
N ALA B 134 -32.35 12.95 -12.45
CA ALA B 134 -32.06 14.38 -12.52
C ALA B 134 -32.72 15.08 -11.33
N GLY B 135 -32.11 14.89 -10.15
CA GLY B 135 -32.65 15.38 -8.91
C GLY B 135 -32.36 16.84 -8.57
N ASP B 136 -31.53 17.52 -9.36
CA ASP B 136 -31.27 18.96 -9.20
C ASP B 136 -32.36 19.74 -9.94
N THR B 137 -33.57 19.70 -9.38
CA THR B 137 -34.78 19.93 -10.16
C THR B 137 -35.08 21.39 -10.44
N PHE B 138 -34.49 22.33 -9.70
CA PHE B 138 -34.80 23.75 -9.87
C PHE B 138 -33.81 24.46 -10.79
N ARG B 139 -32.79 23.76 -11.29
CA ARG B 139 -31.80 24.31 -12.21
C ARG B 139 -32.05 23.69 -13.60
N ALA B 140 -32.87 24.39 -14.39
CA ALA B 140 -33.40 23.81 -15.62
C ALA B 140 -32.28 23.50 -16.61
N ALA B 141 -31.26 24.35 -16.65
CA ALA B 141 -30.14 24.10 -17.55
C ALA B 141 -29.37 22.85 -17.14
N ALA B 142 -29.22 22.61 -15.84
CA ALA B 142 -28.53 21.42 -15.37
C ALA B 142 -29.30 20.16 -15.72
N VAL B 143 -30.63 20.18 -15.55
CA VAL B 143 -31.44 19.01 -15.88
C VAL B 143 -31.32 18.70 -17.37
N GLU B 144 -31.40 19.73 -18.22
CA GLU B 144 -31.32 19.50 -19.65
C GLU B 144 -29.94 19.01 -20.05
N GLN B 145 -28.89 19.48 -19.38
CA GLN B 145 -27.55 18.98 -19.66
C GLN B 145 -27.46 17.48 -19.38
N LEU B 146 -28.04 17.03 -18.26
CA LEU B 146 -28.02 15.61 -17.96
C LEU B 146 -28.83 14.81 -18.97
N GLN B 147 -29.98 15.35 -19.37
CA GLN B 147 -30.80 14.70 -20.38
C GLN B 147 -30.04 14.58 -21.70
N VAL B 148 -29.39 15.67 -22.13
CA VAL B 148 -28.60 15.63 -23.37
C VAL B 148 -27.51 14.57 -23.27
N TRP B 149 -26.84 14.52 -22.12
CA TRP B 149 -25.79 13.53 -21.92
C TRP B 149 -26.36 12.12 -22.01
N GLY B 150 -27.50 11.88 -21.36
CA GLY B 150 -28.13 10.57 -21.44
C GLY B 150 -28.55 10.23 -22.85
N GLN B 151 -29.08 11.22 -23.58
CA GLN B 151 -29.47 11.02 -24.97
C GLN B 151 -28.25 10.70 -25.82
N ARG B 152 -27.12 11.38 -25.57
CA ARG B 152 -25.92 11.12 -26.33
C ARG B 152 -25.36 9.73 -26.07
N ASN B 153 -25.49 9.23 -24.84
CA ASN B 153 -24.84 7.99 -24.44
C ASN B 153 -25.79 6.82 -24.27
N ASN B 154 -27.05 6.97 -24.64
CA ASN B 154 -28.04 5.88 -24.56
C ASN B 154 -28.16 5.33 -23.15
N ILE B 155 -28.32 6.24 -22.18
CA ILE B 155 -28.50 5.89 -20.78
C ILE B 155 -29.75 6.63 -20.32
N PRO B 156 -30.76 5.92 -19.77
CA PRO B 156 -32.00 6.60 -19.41
C PRO B 156 -31.81 7.59 -18.28
N VAL B 157 -32.51 8.71 -18.40
CA VAL B 157 -32.45 9.80 -17.43
C VAL B 157 -33.87 10.08 -17.00
N ILE B 158 -34.13 9.96 -15.71
CA ILE B 158 -35.45 10.23 -15.15
C ILE B 158 -35.48 11.68 -14.70
N ALA B 159 -36.47 12.42 -15.18
CA ALA B 159 -36.57 13.85 -14.89
C ALA B 159 -38.02 14.29 -14.87
N GLN B 160 -38.26 15.44 -14.27
CA GLN B 160 -39.57 16.08 -14.26
C GLN B 160 -39.42 17.57 -14.56
N HIS B 161 -40.56 18.25 -14.57
CA HIS B 161 -40.58 19.68 -14.88
C HIS B 161 -39.72 20.48 -13.90
N THR B 162 -39.32 21.67 -14.35
CA THR B 162 -38.56 22.58 -13.49
C THR B 162 -39.35 22.90 -12.24
N GLY B 163 -38.73 22.70 -11.09
CA GLY B 163 -39.37 22.94 -9.81
C GLY B 163 -40.06 21.73 -9.23
N ALA B 164 -39.95 20.57 -9.87
CA ALA B 164 -40.51 19.36 -9.30
C ALA B 164 -39.80 19.04 -7.98
N ASP B 165 -40.45 18.22 -7.18
CA ASP B 165 -39.88 17.77 -5.92
C ASP B 165 -38.77 16.76 -6.21
N SER B 166 -37.56 17.07 -5.74
CA SER B 166 -36.41 16.19 -5.96
C SER B 166 -36.70 14.78 -5.45
N ALA B 167 -37.27 14.68 -4.25
CA ALA B 167 -37.55 13.35 -3.69
C ALA B 167 -38.52 12.56 -4.57
N SER B 168 -39.47 13.25 -5.23
CA SER B 168 -40.40 12.58 -6.11
C SER B 168 -39.71 12.10 -7.39
N VAL B 169 -38.82 12.90 -7.94
CA VAL B 169 -38.06 12.45 -9.11
C VAL B 169 -37.26 11.20 -8.76
N ILE B 170 -36.62 11.20 -7.59
CA ILE B 170 -35.74 10.09 -7.23
C ILE B 170 -36.56 8.86 -6.88
N PHE B 171 -37.73 9.06 -6.25
CA PHE B 171 -38.69 7.97 -6.03
C PHE B 171 -39.10 7.33 -7.35
N ASP B 172 -39.50 8.16 -8.33
CA ASP B 172 -39.86 7.63 -9.64
C ASP B 172 -38.69 6.87 -10.27
N ALA B 173 -37.46 7.35 -10.04
CA ALA B 173 -36.31 6.70 -10.66
C ALA B 173 -36.02 5.34 -10.01
N ILE B 174 -36.15 5.24 -8.68
CA ILE B 174 -35.94 3.94 -8.06
C ILE B 174 -37.01 2.97 -8.54
N GLN B 175 -38.26 3.42 -8.62
CA GLN B 175 -39.34 2.57 -9.10
C GLN B 175 -39.05 2.08 -10.52
N ALA B 176 -38.66 2.99 -11.40
CA ALA B 176 -38.34 2.60 -12.77
C ALA B 176 -37.11 1.70 -12.83
N ALA B 177 -36.08 1.99 -12.04
CA ALA B 177 -34.87 1.16 -12.04
C ALA B 177 -35.18 -0.26 -11.57
N LYS B 178 -36.02 -0.41 -10.54
CA LYS B 178 -36.36 -1.77 -10.11
C LYS B 178 -37.15 -2.48 -11.19
N ALA B 179 -38.13 -1.81 -11.79
CA ALA B 179 -38.94 -2.47 -12.81
C ALA B 179 -38.11 -2.86 -14.02
N ARG B 180 -37.07 -2.10 -14.35
CA ARG B 180 -36.27 -2.38 -15.53
C ARG B 180 -35.01 -3.18 -15.20
N ASN B 181 -34.88 -3.66 -13.96
CA ASN B 181 -33.77 -4.51 -13.56
C ASN B 181 -32.42 -3.82 -13.81
N ILE B 182 -32.37 -2.52 -13.53
CA ILE B 182 -31.15 -1.73 -13.63
C ILE B 182 -30.18 -2.11 -12.52
N ASP B 183 -28.88 -2.15 -12.86
CA ASP B 183 -27.86 -2.52 -11.88
C ASP B 183 -27.47 -1.35 -10.97
N VAL B 184 -27.37 -0.15 -11.53
CA VAL B 184 -26.88 1.01 -10.77
C VAL B 184 -27.71 2.24 -11.13
N LEU B 185 -28.24 2.90 -10.11
CA LEU B 185 -28.91 4.17 -10.26
C LEU B 185 -28.09 5.27 -9.60
N ILE B 186 -27.78 6.30 -10.37
CA ILE B 186 -27.00 7.45 -9.88
C ILE B 186 -27.95 8.65 -9.84
N ALA B 187 -28.20 9.16 -8.63
CA ALA B 187 -29.12 10.26 -8.41
C ALA B 187 -28.35 11.56 -8.13
N ASP B 188 -28.51 12.55 -9.00
CA ASP B 188 -28.04 13.90 -8.79
C ASP B 188 -28.93 14.61 -7.79
N THR B 189 -28.36 15.61 -7.12
CA THR B 189 -29.11 16.40 -6.16
C THR B 189 -28.72 17.87 -6.32
N ALA B 190 -29.52 18.73 -5.71
CA ALA B 190 -29.20 20.14 -5.70
C ALA B 190 -27.94 20.39 -4.88
N GLY B 191 -27.26 21.48 -5.19
CA GLY B 191 -26.03 21.79 -4.50
C GLY B 191 -25.88 23.26 -4.17
N ARG B 192 -26.99 23.94 -3.91
CA ARG B 192 -26.94 25.35 -3.57
C ARG B 192 -26.67 25.51 -2.08
N LEU B 193 -25.66 26.31 -1.74
CA LEU B 193 -25.30 26.59 -0.36
C LEU B 193 -26.00 27.83 0.17
N GLN B 194 -26.51 28.69 -0.72
CA GLN B 194 -27.11 29.95 -0.30
C GLN B 194 -28.22 29.76 0.73
N ASN B 195 -28.76 28.56 0.88
CA ASN B 195 -29.76 28.24 1.90
C ASN B 195 -29.41 26.85 2.44
N LYS B 196 -28.42 26.80 3.34
CA LYS B 196 -27.99 25.51 3.86
C LYS B 196 -29.16 24.72 4.43
N SER B 197 -29.99 25.36 5.24
CA SER B 197 -31.05 24.63 5.94
C SER B 197 -31.96 23.93 4.95
N HIS B 198 -32.31 24.59 3.85
CA HIS B 198 -33.22 23.98 2.89
C HIS B 198 -32.56 22.81 2.18
N LEU B 199 -31.27 22.93 1.82
CA LEU B 199 -30.61 21.85 1.13
C LEU B 199 -30.43 20.64 2.06
N MET B 200 -30.02 20.87 3.30
CA MET B 200 -29.83 19.73 4.20
C MET B 200 -31.16 19.05 4.49
N GLU B 201 -32.23 19.82 4.68
CA GLU B 201 -33.56 19.23 4.87
C GLU B 201 -34.02 18.51 3.61
N GLU B 202 -33.65 19.02 2.43
CA GLU B 202 -34.04 18.36 1.19
C GLU B 202 -33.39 16.99 1.09
N LEU B 203 -32.15 16.86 1.56
CA LEU B 203 -31.46 15.57 1.49
C LEU B 203 -32.08 14.54 2.42
N LYS B 204 -32.46 14.97 3.64
CA LYS B 204 -33.11 14.05 4.56
C LYS B 204 -34.47 13.58 4.04
N LYS B 205 -35.21 14.47 3.37
CA LYS B 205 -36.45 14.05 2.74
C LYS B 205 -36.19 13.05 1.61
N ILE B 206 -35.15 13.29 0.81
CA ILE B 206 -34.84 12.37 -0.29
C ILE B 206 -34.58 10.97 0.27
N VAL B 207 -33.79 10.89 1.34
CA VAL B 207 -33.46 9.58 1.89
C VAL B 207 -34.68 8.88 2.46
N ARG B 208 -35.51 9.60 3.22
CA ARG B 208 -36.72 8.98 3.78
C ARG B 208 -37.61 8.44 2.66
N VAL B 209 -37.76 9.20 1.58
CA VAL B 209 -38.64 8.79 0.50
C VAL B 209 -38.06 7.58 -0.23
N MET B 210 -36.74 7.55 -0.41
CA MET B 210 -36.08 6.37 -0.98
C MET B 210 -36.44 5.11 -0.21
N LYS B 211 -36.42 5.18 1.12
CA LYS B 211 -36.60 4.00 1.93
C LYS B 211 -38.05 3.52 1.90
N LYS B 212 -38.97 4.29 1.34
CA LYS B 212 -40.31 3.76 1.09
C LYS B 212 -40.27 2.65 0.06
N LEU B 213 -39.31 2.69 -0.86
CA LEU B 213 -39.20 1.68 -1.90
C LEU B 213 -38.11 0.66 -1.65
N ASP B 214 -37.05 1.03 -0.92
CA ASP B 214 -35.97 0.11 -0.64
C ASP B 214 -35.32 0.59 0.64
N VAL B 215 -35.47 -0.18 1.73
CA VAL B 215 -34.92 0.26 3.00
C VAL B 215 -33.40 0.32 3.00
N GLU B 216 -32.72 -0.31 2.04
CA GLU B 216 -31.27 -0.27 1.92
C GLU B 216 -30.79 0.95 1.14
N ALA B 217 -31.69 1.66 0.47
CA ALA B 217 -31.28 2.80 -0.34
C ALA B 217 -31.26 4.06 0.50
N PRO B 218 -30.31 4.98 0.22
CA PRO B 218 -29.20 4.87 -0.74
C PRO B 218 -28.09 3.98 -0.23
N HIS B 219 -27.54 3.13 -1.09
CA HIS B 219 -26.47 2.23 -0.68
C HIS B 219 -25.15 2.96 -0.52
N GLU B 220 -25.00 4.08 -1.21
CA GLU B 220 -23.83 4.94 -1.13
C GLU B 220 -24.30 6.38 -1.18
N VAL B 221 -23.82 7.20 -0.24
CA VAL B 221 -24.00 8.65 -0.31
C VAL B 221 -22.61 9.22 -0.60
N MET B 222 -22.43 9.72 -1.82
CA MET B 222 -21.11 10.13 -2.32
CA MET B 222 -21.12 10.13 -2.31
C MET B 222 -21.05 11.65 -2.44
N LEU B 223 -20.09 12.24 -1.74
CA LEU B 223 -19.78 13.66 -1.88
C LEU B 223 -18.74 13.83 -2.99
N THR B 224 -18.95 14.83 -3.84
CA THR B 224 -17.91 15.28 -4.76
C THR B 224 -17.38 16.64 -4.33
N ILE B 225 -16.07 16.75 -4.23
CA ILE B 225 -15.37 18.00 -3.94
C ILE B 225 -14.20 18.15 -4.91
N ASP B 226 -13.73 19.39 -5.04
CA ASP B 226 -12.74 19.82 -6.04
C ASP B 226 -11.45 20.15 -5.30
N ALA B 227 -10.41 19.34 -5.55
CA ALA B 227 -9.13 19.50 -4.85
C ALA B 227 -8.50 20.87 -5.11
N SER B 228 -8.78 21.47 -6.27
CA SER B 228 -8.18 22.74 -6.63
C SER B 228 -8.79 23.91 -5.89
N THR B 229 -9.88 23.70 -5.16
CA THR B 229 -10.52 24.72 -4.34
C THR B 229 -10.00 24.75 -2.91
N GLY B 230 -8.93 24.00 -2.62
CA GLY B 230 -8.30 24.08 -1.31
C GLY B 230 -9.26 23.88 -0.17
N GLN B 231 -9.19 24.79 0.81
CA GLN B 231 -9.99 24.65 2.02
C GLN B 231 -11.49 24.77 1.78
N ASN B 232 -11.93 25.24 0.61
CA ASN B 232 -13.37 25.20 0.33
C ASN B 232 -13.87 23.77 0.26
N ALA B 233 -13.06 22.86 -0.28
CA ALA B 233 -13.43 21.45 -0.30
C ALA B 233 -13.57 20.90 1.10
N VAL B 234 -12.72 21.35 2.03
CA VAL B 234 -12.82 20.87 3.40
C VAL B 234 -14.09 21.39 4.06
N SER B 235 -14.40 22.67 3.88
CA SER B 235 -15.61 23.23 4.49
C SER B 235 -16.86 22.57 3.90
N GLN B 236 -16.82 22.29 2.59
CA GLN B 236 -17.95 21.59 1.99
C GLN B 236 -18.09 20.18 2.56
N ALA B 237 -16.97 19.46 2.70
CA ALA B 237 -17.06 18.12 3.26
C ALA B 237 -17.65 18.16 4.66
N LYS B 238 -17.25 19.12 5.48
CA LYS B 238 -17.79 19.17 6.84
C LYS B 238 -19.30 19.45 6.80
N LEU B 239 -19.72 20.40 5.97
CA LEU B 239 -21.14 20.71 5.88
C LEU B 239 -21.97 19.49 5.51
N PHE B 240 -21.56 18.77 4.47
CA PHE B 240 -22.37 17.63 4.03
C PHE B 240 -22.27 16.45 4.99
N HIS B 241 -21.12 16.25 5.63
CA HIS B 241 -21.06 15.12 6.55
C HIS B 241 -21.91 15.36 7.78
N GLU B 242 -21.93 16.59 8.30
CA GLU B 242 -22.75 16.87 9.46
C GLU B 242 -24.23 16.79 9.14
N ALA B 243 -24.62 17.07 7.90
CA ALA B 243 -26.02 17.09 7.50
C ALA B 243 -26.54 15.72 7.09
N VAL B 244 -25.76 14.97 6.31
CA VAL B 244 -26.19 13.70 5.76
C VAL B 244 -25.09 12.69 6.06
N GLY B 245 -25.46 11.43 6.05
CA GLY B 245 -24.48 10.39 6.35
C GLY B 245 -23.66 10.00 5.13
N LEU B 246 -22.48 10.60 4.99
CA LEU B 246 -21.67 10.27 3.83
C LEU B 246 -21.06 8.89 3.98
N THR B 247 -20.93 8.19 2.86
CA THR B 247 -20.25 6.91 2.86
C THR B 247 -19.08 6.86 1.89
N GLY B 248 -18.92 7.88 1.02
CA GLY B 248 -17.81 7.92 0.09
C GLY B 248 -17.57 9.36 -0.34
N ILE B 249 -16.32 9.62 -0.76
CA ILE B 249 -15.92 10.91 -1.29
C ILE B 249 -15.21 10.70 -2.62
N THR B 250 -15.53 11.55 -3.59
CA THR B 250 -14.78 11.67 -4.83
C THR B 250 -14.13 13.04 -4.83
N LEU B 251 -12.81 13.08 -5.09
CA LEU B 251 -12.05 14.32 -5.14
C LEU B 251 -11.62 14.55 -6.59
N THR B 252 -12.07 15.66 -7.19
CA THR B 252 -11.78 15.94 -8.58
C THR B 252 -10.61 16.91 -8.71
N LYS B 253 -10.08 17.00 -9.94
CA LYS B 253 -9.11 18.02 -10.37
C LYS B 253 -7.84 18.01 -9.54
N LEU B 254 -7.36 16.82 -9.19
CA LEU B 254 -6.07 16.74 -8.54
C LEU B 254 -4.93 17.14 -9.48
N ASP B 255 -5.13 17.00 -10.79
CA ASP B 255 -4.07 17.34 -11.73
C ASP B 255 -3.91 18.84 -11.93
N GLY B 256 -4.91 19.64 -11.55
CA GLY B 256 -4.78 21.07 -11.81
C GLY B 256 -4.30 21.97 -10.69
N THR B 257 -3.69 21.41 -9.64
CA THR B 257 -3.30 22.26 -8.54
C THR B 257 -2.04 21.79 -7.82
N ALA B 258 -1.39 22.77 -7.20
CA ALA B 258 -0.39 22.51 -6.18
C ALA B 258 -1.04 22.28 -4.80
N LYS B 259 -2.38 22.20 -4.74
CA LYS B 259 -3.13 22.07 -3.49
C LYS B 259 -3.52 20.62 -3.19
N GLY B 260 -2.76 19.66 -3.71
CA GLY B 260 -3.08 18.24 -3.55
C GLY B 260 -3.20 17.77 -2.12
N GLY B 261 -2.69 18.54 -1.16
CA GLY B 261 -2.77 18.17 0.26
C GLY B 261 -4.16 18.09 0.86
N VAL B 262 -5.19 18.65 0.20
CA VAL B 262 -6.51 18.58 0.78
C VAL B 262 -6.99 17.13 0.91
N ILE B 263 -6.47 16.21 0.09
CA ILE B 263 -6.87 14.81 0.24
C ILE B 263 -6.51 14.31 1.64
N PHE B 264 -5.37 14.76 2.18
CA PHE B 264 -4.94 14.34 3.52
C PHE B 264 -5.83 14.94 4.60
N SER B 265 -6.23 16.22 4.42
CA SER B 265 -7.09 16.87 5.41
C SER B 265 -8.45 16.20 5.45
N VAL B 266 -9.03 15.95 4.28
CA VAL B 266 -10.34 15.29 4.20
C VAL B 266 -10.26 13.89 4.79
N ALA B 267 -9.23 13.13 4.43
CA ALA B 267 -9.08 11.79 4.97
C ALA B 267 -8.99 11.81 6.49
N ASP B 268 -8.12 12.67 7.02
CA ASP B 268 -7.87 12.65 8.45
C ASP B 268 -9.04 13.22 9.25
N GLN B 269 -9.66 14.30 8.77
CA GLN B 269 -10.69 14.98 9.56
C GLN B 269 -12.00 14.19 9.62
N PHE B 270 -12.35 13.47 8.55
CA PHE B 270 -13.68 12.88 8.45
C PHE B 270 -13.70 11.36 8.39
N GLY B 271 -12.62 10.72 7.97
CA GLY B 271 -12.56 9.27 7.98
C GLY B 271 -13.50 8.55 7.03
N ILE B 272 -14.05 9.26 6.05
CA ILE B 272 -14.95 8.67 5.06
C ILE B 272 -14.10 8.12 3.91
N PRO B 273 -14.36 6.91 3.42
CA PRO B 273 -13.58 6.37 2.31
C PRO B 273 -13.54 7.32 1.12
N ILE B 274 -12.36 7.46 0.54
CA ILE B 274 -12.15 8.18 -0.71
C ILE B 274 -12.29 7.15 -1.82
N ARG B 275 -13.39 7.24 -2.57
CA ARG B 275 -13.71 6.22 -3.54
C ARG B 275 -13.02 6.42 -4.88
N TYR B 276 -12.92 7.67 -5.35
CA TYR B 276 -12.37 7.99 -6.66
C TYR B 276 -11.58 9.30 -6.57
N ILE B 277 -10.55 9.43 -7.40
CA ILE B 277 -9.85 10.68 -7.57
C ILE B 277 -9.80 11.02 -9.05
N GLY B 278 -10.02 12.30 -9.38
CA GLY B 278 -9.97 12.75 -10.76
C GLY B 278 -8.61 13.34 -11.07
N VAL B 279 -7.92 12.73 -12.03
CA VAL B 279 -6.55 13.15 -12.31
C VAL B 279 -6.36 13.47 -13.79
N GLY B 280 -7.47 13.72 -14.49
CA GLY B 280 -7.42 14.07 -15.89
C GLY B 280 -8.79 14.11 -16.53
N GLU B 281 -8.79 14.40 -17.83
CA GLU B 281 -10.01 14.71 -18.56
C GLU B 281 -10.71 13.48 -19.12
N ARG B 282 -10.01 12.36 -19.26
CA ARG B 282 -10.58 11.15 -19.80
C ARG B 282 -11.52 10.48 -18.80
N ILE B 283 -12.45 9.68 -19.33
CA ILE B 283 -13.31 8.85 -18.47
C ILE B 283 -12.48 8.01 -17.50
N GLU B 284 -11.43 7.35 -18.00
CA GLU B 284 -10.59 6.51 -17.15
C GLU B 284 -9.74 7.31 -16.16
N ASP B 285 -9.63 8.62 -16.34
CA ASP B 285 -8.87 9.44 -15.42
C ASP B 285 -9.63 9.72 -14.13
N LEU B 286 -10.91 9.35 -14.05
CA LEU B 286 -11.58 9.24 -12.75
C LEU B 286 -11.20 7.86 -12.20
N ARG B 287 -10.17 7.83 -11.35
CA ARG B 287 -9.63 6.53 -10.99
C ARG B 287 -10.21 6.04 -9.69
N PRO B 288 -10.53 4.75 -9.58
CA PRO B 288 -10.79 4.18 -8.26
C PRO B 288 -9.58 4.47 -7.40
N PHE B 289 -9.81 4.99 -6.19
CA PHE B 289 -8.72 5.45 -5.38
C PHE B 289 -7.95 4.28 -4.80
N LYS B 290 -6.63 4.28 -5.02
CA LYS B 290 -5.71 3.31 -4.44
C LYS B 290 -4.68 4.12 -3.67
N ALA B 291 -4.78 4.10 -2.34
CA ALA B 291 -3.94 4.95 -1.51
C ALA B 291 -2.48 4.63 -1.71
N ASP B 292 -2.15 3.34 -1.82
CA ASP B 292 -0.76 2.95 -1.96
C ASP B 292 -0.19 3.42 -3.28
N ASP B 293 -0.94 3.28 -4.36
CA ASP B 293 -0.48 3.80 -5.65
CA ASP B 293 -0.49 3.79 -5.65
C ASP B 293 -0.30 5.31 -5.59
N PHE B 294 -1.25 6.01 -4.96
CA PHE B 294 -1.18 7.46 -4.85
C PHE B 294 0.06 7.90 -4.07
N ILE B 295 0.32 7.27 -2.94
CA ILE B 295 1.50 7.60 -2.15
C ILE B 295 2.77 7.29 -2.93
N GLU B 296 2.79 6.17 -3.64
CA GLU B 296 3.99 5.83 -4.41
C GLU B 296 4.26 6.88 -5.49
N ALA B 297 3.21 7.34 -6.19
CA ALA B 297 3.37 8.36 -7.21
C ALA B 297 3.83 9.68 -6.59
N LEU B 298 3.22 10.06 -5.46
CA LEU B 298 3.53 11.32 -4.81
C LEU B 298 4.97 11.35 -4.30
N PHE B 299 5.43 10.24 -3.72
CA PHE B 299 6.76 10.16 -3.12
C PHE B 299 7.79 9.55 -4.06
N ALA B 300 7.43 9.30 -5.31
CA ALA B 300 8.39 8.70 -6.24
C ALA B 300 9.63 9.58 -6.38
N ARG B 301 10.81 8.94 -6.38
CA ARG B 301 12.08 9.62 -6.53
C ARG B 301 13.03 8.72 -7.31
N GLU B 302 13.97 9.33 -8.02
CA GLU B 302 14.89 8.56 -8.86
C GLU B 302 16.35 8.77 -8.46
N ASP B 303 16.62 9.43 -7.34
N ASP B 303 16.61 9.37 -7.30
CA ASP B 303 17.97 9.64 -6.86
CA ASP B 303 17.99 9.59 -6.83
C ASP B 303 18.43 8.41 -6.08
C ASP B 303 18.48 8.50 -5.88
#